data_5YSI
#
_entry.id   5YSI
#
_cell.length_a   37.867
_cell.length_b   75.698
_cell.length_c   84.682
_cell.angle_alpha   90.00
_cell.angle_beta   90.00
_cell.angle_gamma   90.00
#
_symmetry.space_group_name_H-M   'C 2 2 21'
#
loop_
_entity.id
_entity.type
_entity.pdbx_description
1 polymer 'Ubiquitinating/deubiquitinating enzyme SdeA'
2 non-polymer NICOTINAMIDE
3 water water
#
_entity_poly.entity_id   1
_entity_poly.type   'polypeptide(L)'
_entity_poly.pdbx_seq_one_letter_code
;GSSQAKPPTRLFRGLNLSEEFTKGLIDQANA(MSE)IANTTERLFTDHSPEAFKQIKLNDLSK(MSE)SGRTNASTTTEI
KLVKETWDSNVIFE(MSE)LDPDGLLHSKQVGRHGEGTASAFSVYLPEDVALVPVKVTLDGKTQKGENRYVFTFVAVKSP
DFTP
;
_entity_poly.pdbx_strand_id   A
#
# COMPACT_ATOMS: atom_id res chain seq x y z
N ALA A 5 8.19 -18.60 8.80
CA ALA A 5 6.97 -18.57 8.00
C ALA A 5 7.31 -18.15 6.58
N LYS A 6 8.32 -17.29 6.47
CA LYS A 6 8.71 -16.67 5.21
C LYS A 6 7.48 -16.05 4.53
N PRO A 7 6.88 -15.03 5.13
CA PRO A 7 5.76 -14.34 4.49
C PRO A 7 6.21 -13.65 3.22
N PRO A 8 5.30 -13.35 2.31
CA PRO A 8 5.66 -12.58 1.11
C PRO A 8 6.13 -11.20 1.52
N THR A 9 7.12 -10.66 0.81
CA THR A 9 7.58 -9.34 1.20
C THR A 9 7.14 -8.25 0.22
N ARG A 10 6.29 -8.57 -0.76
CA ARG A 10 5.64 -7.58 -1.63
C ARG A 10 4.19 -7.98 -1.81
N LEU A 11 3.28 -7.06 -1.45
CA LEU A 11 1.85 -7.29 -1.63
C LEU A 11 1.23 -6.07 -2.29
N PHE A 12 0.13 -6.34 -2.99
CA PHE A 12 -0.60 -5.35 -3.74
C PHE A 12 -2.07 -5.31 -3.34
N ARG A 13 -2.63 -4.11 -3.42
CA ARG A 13 -4.05 -3.92 -3.19
C ARG A 13 -4.50 -2.78 -4.09
N GLY A 14 -5.64 -2.93 -4.74
CA GLY A 14 -6.15 -1.94 -5.66
C GLY A 14 -7.45 -1.36 -5.15
N LEU A 15 -7.69 -0.11 -5.51
CA LEU A 15 -8.97 0.53 -5.31
C LEU A 15 -9.36 1.22 -6.60
N ASN A 16 -10.66 1.34 -6.78
CA ASN A 16 -11.23 2.26 -7.75
C ASN A 16 -11.49 3.60 -7.06
N LEU A 17 -10.72 4.62 -7.41
CA LEU A 17 -10.83 5.93 -6.79
C LEU A 17 -11.13 6.96 -7.87
N SER A 18 -11.86 7.98 -7.47
CA SER A 18 -12.29 8.99 -8.41
C SER A 18 -11.09 9.78 -8.96
N GLU A 19 -11.32 10.38 -10.14
CA GLU A 19 -10.30 11.22 -10.77
C GLU A 19 -9.80 12.30 -9.80
N GLU A 20 -10.73 13.05 -9.21
CA GLU A 20 -10.33 14.18 -8.37
C GLU A 20 -9.57 13.69 -7.15
N PHE A 21 -10.08 12.64 -6.52
CA PHE A 21 -9.40 12.15 -5.33
C PHE A 21 -8.02 11.62 -5.67
N THR A 22 -7.91 10.86 -6.77
CA THR A 22 -6.63 10.28 -7.17
C THR A 22 -5.59 11.38 -7.38
N LYS A 23 -5.99 12.48 -8.02
CA LYS A 23 -5.08 13.61 -8.25
C LYS A 23 -4.58 14.17 -6.93
N GLY A 24 -5.48 14.37 -5.97
CA GLY A 24 -5.05 14.83 -4.68
C GLY A 24 -4.19 13.81 -3.95
N LEU A 25 -4.48 12.52 -4.14
CA LEU A 25 -3.68 11.49 -3.53
C LEU A 25 -2.24 11.48 -4.06
N ILE A 26 -2.09 11.60 -5.38
CA ILE A 26 -0.76 11.73 -5.97
C ILE A 26 -0.02 12.91 -5.35
N ASP A 27 -0.69 14.05 -5.24
CA ASP A 27 -0.03 15.26 -4.77
C ASP A 27 0.39 15.10 -3.32
N GLN A 28 -0.48 14.49 -2.53
CA GLN A 28 -0.18 14.27 -1.13
C GLN A 28 0.99 13.32 -0.96
N ALA A 29 0.99 12.25 -1.71
CA ALA A 29 2.09 11.30 -1.64
C ALA A 29 3.39 11.98 -2.02
N ASN A 30 3.38 12.71 -3.13
CA ASN A 30 4.64 13.32 -3.57
C ASN A 30 5.09 14.39 -2.59
N ALA A 31 4.16 15.07 -1.92
CA ALA A 31 4.53 16.04 -0.89
C ALA A 31 5.19 15.33 0.29
N ILE A 33 6.72 12.33 0.17
CA ILE A 33 7.94 11.69 -0.32
C ILE A 33 9.13 12.62 -0.24
N ALA A 34 8.94 13.88 -0.62
CA ALA A 34 10.02 14.85 -0.71
C ALA A 34 10.29 15.52 0.62
N ASN A 35 9.37 15.42 1.56
CA ASN A 35 9.21 16.45 2.59
C ASN A 35 8.94 15.92 3.98
N THR A 36 8.60 14.65 4.11
CA THR A 36 8.22 14.03 5.37
C THR A 36 8.95 12.71 5.49
N THR A 37 8.95 11.95 4.41
CA THR A 37 9.58 10.66 4.41
C THR A 37 11.06 10.81 4.63
N GLU A 38 11.62 11.92 4.24
CA GLU A 38 13.00 12.11 4.45
C GLU A 38 13.37 12.18 5.92
N ARG A 39 12.53 12.80 6.71
CA ARG A 39 12.80 12.90 8.10
C ARG A 39 12.72 11.57 8.78
N LEU A 40 11.82 10.72 8.33
CA LEU A 40 11.73 9.39 8.87
C LEU A 40 12.94 8.57 8.47
N PHE A 41 13.28 8.58 7.18
CA PHE A 41 14.35 7.71 6.71
C PHE A 41 15.71 8.17 7.23
N THR A 42 15.97 9.48 7.28
CA THR A 42 17.30 9.95 7.64
C THR A 42 17.46 10.04 9.16
N ASP A 43 16.46 10.65 9.81
CA ASP A 43 16.55 10.98 11.22
C ASP A 43 15.61 10.17 12.10
N HIS A 44 14.93 9.17 11.54
CA HIS A 44 14.09 8.27 12.29
C HIS A 44 13.14 9.09 13.14
N SER A 45 12.53 10.05 12.49
CA SER A 45 11.69 11.05 13.12
C SER A 45 10.37 10.49 13.66
N PRO A 46 10.12 10.56 14.96
CA PRO A 46 8.80 10.19 15.48
C PRO A 46 7.67 11.03 14.94
N GLU A 47 7.84 12.35 14.83
CA GLU A 47 6.77 13.18 14.29
C GLU A 47 6.45 12.80 12.85
N ALA A 48 7.48 12.56 12.04
CA ALA A 48 7.23 12.18 10.66
C ALA A 48 6.50 10.85 10.60
N PHE A 49 6.89 9.90 11.45
CA PHE A 49 6.15 8.65 11.52
C PHE A 49 4.67 8.90 11.81
N LYS A 50 4.39 9.73 12.82
CA LYS A 50 3.00 10.01 13.19
C LYS A 50 2.23 10.65 12.03
N GLN A 51 2.85 11.59 11.31
CA GLN A 51 2.15 12.24 10.20
C GLN A 51 1.80 11.24 9.10
N ILE A 52 2.72 10.31 8.82
CA ILE A 52 2.45 9.29 7.84
C ILE A 52 1.28 8.40 8.29
N LYS A 53 1.29 7.94 9.55
CA LYS A 53 0.14 7.18 10.05
C LYS A 53 -1.15 7.95 9.92
N LEU A 54 -1.13 9.23 10.31
CA LEU A 54 -2.39 9.98 10.30
C LEU A 54 -2.89 10.20 8.89
N ASN A 55 -1.99 10.36 7.93
CA ASN A 55 -2.43 10.61 6.58
C ASN A 55 -3.05 9.36 5.96
N ASP A 56 -2.53 8.19 6.32
CA ASP A 56 -3.09 6.91 5.89
C ASP A 56 -3.46 6.90 4.40
N LEU A 57 -2.46 7.13 3.55
CA LEU A 57 -2.74 7.23 2.12
C LEU A 57 -3.41 5.98 1.57
N SER A 58 -2.99 4.80 2.04
CA SER A 58 -3.44 3.50 1.54
C SER A 58 -4.79 3.08 2.12
N LYS A 59 -5.32 3.81 3.09
CA LYS A 59 -6.57 3.46 3.77
C LYS A 59 -6.44 2.16 4.56
N SER A 61 -4.90 1.80 7.59
CA SER A 61 -4.63 1.92 9.02
C SER A 61 -5.75 1.24 9.82
N GLY A 62 -5.34 0.44 10.79
CA GLY A 62 -6.24 -0.26 11.65
C GLY A 62 -6.89 -1.49 11.08
N ARG A 63 -6.78 -1.75 9.78
CA ARG A 63 -7.46 -2.91 9.24
C ARG A 63 -6.74 -4.18 9.64
N THR A 64 -7.48 -5.13 10.17
CA THR A 64 -6.90 -6.39 10.61
C THR A 64 -7.05 -7.51 9.60
N ASN A 65 -7.83 -7.35 8.53
CA ASN A 65 -7.95 -8.42 7.53
C ASN A 65 -8.17 -7.86 6.12
N ALA A 66 -7.39 -6.87 5.74
CA ALA A 66 -7.48 -6.34 4.38
C ALA A 66 -6.93 -7.35 3.39
N SER A 67 -7.62 -7.55 2.27
CA SER A 67 -7.18 -8.52 1.27
C SER A 67 -6.15 -7.92 0.32
N THR A 68 -5.13 -8.72 -0.01
CA THR A 68 -4.01 -8.33 -0.86
C THR A 68 -3.62 -9.53 -1.69
N THR A 69 -2.77 -9.27 -2.68
CA THR A 69 -2.22 -10.35 -3.49
C THR A 69 -0.76 -10.07 -3.77
N THR A 70 0.01 -11.14 -4.01
CA THR A 70 1.37 -11.00 -4.45
C THR A 70 1.48 -10.68 -5.93
N GLU A 71 0.40 -10.78 -6.70
CA GLU A 71 0.48 -10.64 -8.17
C GLU A 71 -0.25 -9.37 -8.64
N ILE A 72 0.49 -8.41 -9.17
CA ILE A 72 -0.13 -7.14 -9.54
C ILE A 72 -1.10 -7.35 -10.69
N LYS A 73 -0.84 -8.33 -11.56
CA LYS A 73 -1.76 -8.59 -12.66
C LYS A 73 -3.12 -9.02 -12.16
N LEU A 74 -3.18 -9.77 -11.04
CA LEU A 74 -4.48 -10.13 -10.47
C LEU A 74 -5.28 -8.89 -10.06
N VAL A 75 -4.63 -7.88 -9.50
CA VAL A 75 -5.36 -6.66 -9.19
C VAL A 75 -5.89 -6.01 -10.45
N LYS A 76 -4.98 -5.75 -11.40
CA LYS A 76 -5.35 -5.13 -12.67
C LYS A 76 -6.47 -5.88 -13.36
N GLU A 77 -6.39 -7.20 -13.38
CA GLU A 77 -7.32 -7.99 -14.15
C GLU A 77 -8.49 -8.52 -13.36
N THR A 78 -8.63 -8.16 -12.09
CA THR A 78 -9.85 -8.51 -11.39
C THR A 78 -10.71 -7.29 -11.14
N TRP A 79 -10.13 -6.21 -10.62
CA TRP A 79 -10.91 -5.05 -10.23
C TRP A 79 -10.62 -3.85 -11.11
N ASP A 80 -9.65 -3.98 -12.00
CA ASP A 80 -9.26 -2.92 -12.93
C ASP A 80 -9.08 -1.60 -12.18
N SER A 81 -8.45 -1.72 -11.02
CA SER A 81 -8.18 -0.58 -10.16
C SER A 81 -7.40 0.47 -10.93
N ASN A 82 -7.75 1.73 -10.74
CA ASN A 82 -6.91 2.81 -11.23
C ASN A 82 -5.83 3.21 -10.25
N VAL A 83 -5.93 2.81 -8.99
CA VAL A 83 -4.92 3.09 -7.99
C VAL A 83 -4.50 1.76 -7.36
N ILE A 84 -3.23 1.45 -7.46
CA ILE A 84 -2.70 0.20 -6.90
C ILE A 84 -1.66 0.55 -5.85
N PHE A 85 -1.83 -0.03 -4.66
CA PHE A 85 -0.89 0.16 -3.57
C PHE A 85 0.08 -1.03 -3.55
N GLU A 86 1.35 -0.74 -3.71
CA GLU A 86 2.41 -1.74 -3.74
C GLU A 86 3.12 -1.59 -2.42
N LEU A 88 5.91 -2.88 0.19
CA LEU A 88 7.15 -3.61 0.37
C LEU A 88 7.32 -3.85 1.87
N ASP A 89 7.38 -5.11 2.26
CA ASP A 89 7.42 -5.51 3.67
C ASP A 89 8.57 -6.49 3.89
N PRO A 90 9.81 -6.03 3.68
CA PRO A 90 10.97 -6.92 3.81
C PRO A 90 11.16 -7.44 5.20
N ASP A 91 10.66 -6.72 6.19
CA ASP A 91 10.86 -7.11 7.58
C ASP A 91 9.71 -7.91 8.13
N GLY A 92 8.74 -8.24 7.29
CA GLY A 92 7.55 -8.94 7.71
C GLY A 92 6.93 -8.24 8.89
N LEU A 93 6.76 -6.93 8.74
CA LEU A 93 6.11 -6.13 9.76
C LEU A 93 4.61 -6.24 9.67
N LEU A 94 4.09 -6.50 8.47
CA LEU A 94 2.70 -6.84 8.36
C LEU A 94 2.51 -8.24 8.92
N HIS A 95 1.30 -8.51 9.33
CA HIS A 95 0.84 -9.85 9.66
C HIS A 95 0.08 -10.37 8.45
N SER A 96 0.75 -11.17 7.64
CA SER A 96 0.28 -11.58 6.32
C SER A 96 -0.11 -13.05 6.41
N LYS A 97 -1.39 -13.34 6.36
CA LYS A 97 -1.83 -14.73 6.42
C LYS A 97 -2.40 -15.17 5.10
N GLN A 98 -1.90 -16.28 4.58
CA GLN A 98 -2.33 -16.77 3.35
C GLN A 98 -3.72 -17.29 3.49
N VAL A 99 -4.58 -16.84 2.61
CA VAL A 99 -5.93 -17.30 2.57
C VAL A 99 -5.97 -18.02 1.24
N GLY A 100 -5.98 -19.33 1.26
CA GLY A 100 -5.99 -20.07 0.05
C GLY A 100 -7.29 -19.95 -0.73
N ARG A 101 -7.23 -20.53 -1.91
CA ARG A 101 -8.40 -20.62 -2.69
C ARG A 101 -9.38 -21.57 -1.97
N HIS A 102 -10.64 -21.23 -1.96
CA HIS A 102 -11.61 -22.19 -1.51
C HIS A 102 -12.88 -22.32 -2.40
N GLY A 103 -12.75 -22.88 -3.60
CA GLY A 103 -13.90 -23.10 -4.46
C GLY A 103 -14.06 -22.26 -5.68
N GLU A 104 -15.19 -22.30 -6.35
CA GLU A 104 -15.34 -21.56 -7.58
C GLU A 104 -15.37 -20.08 -7.36
N GLY A 105 -14.73 -19.37 -8.26
CA GLY A 105 -14.68 -17.94 -8.29
C GLY A 105 -13.84 -17.29 -7.22
N THR A 106 -12.90 -18.04 -6.66
CA THR A 106 -12.08 -17.49 -5.63
C THR A 106 -10.64 -17.41 -6.11
N ALA A 107 -9.81 -16.74 -5.34
CA ALA A 107 -8.41 -16.65 -5.60
C ALA A 107 -7.69 -16.63 -4.29
N SER A 108 -6.43 -17.06 -4.32
CA SER A 108 -5.57 -17.03 -3.18
C SER A 108 -5.27 -15.57 -2.84
N ALA A 109 -5.06 -15.31 -1.58
CA ALA A 109 -4.79 -13.97 -1.18
C ALA A 109 -3.98 -13.94 0.09
N PHE A 110 -3.54 -12.78 0.50
CA PHE A 110 -2.99 -12.65 1.79
C PHE A 110 -3.88 -11.66 2.54
N SER A 111 -4.29 -12.00 3.75
CA SER A 111 -5.08 -11.14 4.57
C SER A 111 -4.07 -10.40 5.44
N VAL A 112 -4.18 -9.09 5.52
CA VAL A 112 -3.21 -8.32 6.20
C VAL A 112 -3.71 -7.43 7.32
N TYR A 113 -2.90 -7.29 8.33
CA TYR A 113 -3.16 -6.36 9.41
C TYR A 113 -2.00 -5.39 9.48
N LEU A 114 -2.33 -4.09 9.51
CA LEU A 114 -1.37 -3.01 9.66
C LEU A 114 -1.39 -2.51 11.10
N PRO A 115 -0.41 -2.89 11.92
CA PRO A 115 -0.33 -2.38 13.29
C PRO A 115 -0.23 -0.87 13.35
N GLU A 116 -0.61 -0.33 14.51
CA GLU A 116 -0.52 1.10 14.75
C GLU A 116 0.91 1.59 14.77
N ASP A 117 1.87 0.71 15.06
CA ASP A 117 3.29 1.07 15.13
C ASP A 117 4.06 0.66 13.88
N VAL A 118 3.36 0.42 12.79
CA VAL A 118 3.95 0.20 11.48
C VAL A 118 3.32 1.18 10.53
N ALA A 119 4.14 1.91 9.77
CA ALA A 119 3.64 2.85 8.79
C ALA A 119 3.98 2.34 7.40
N LEU A 120 3.05 2.52 6.49
CA LEU A 120 3.32 2.32 5.07
C LEU A 120 3.85 3.65 4.54
N VAL A 121 5.16 3.74 4.40
CA VAL A 121 5.83 4.99 4.07
C VAL A 121 5.82 5.16 2.55
N PRO A 122 5.21 6.19 2.01
CA PRO A 122 5.21 6.33 0.55
C PRO A 122 6.61 6.60 0.05
N VAL A 123 6.98 5.93 -1.03
CA VAL A 123 8.28 6.18 -1.65
C VAL A 123 8.19 6.57 -3.11
N LYS A 124 7.14 6.19 -3.84
CA LYS A 124 7.07 6.54 -5.25
C LYS A 124 5.62 6.49 -5.70
N VAL A 125 5.34 7.30 -6.70
CA VAL A 125 4.10 7.24 -7.46
C VAL A 125 4.49 7.12 -8.92
N THR A 126 3.98 6.09 -9.59
CA THR A 126 4.38 5.78 -10.96
C THR A 126 3.15 5.55 -11.82
N LEU A 127 3.13 6.17 -13.00
CA LEU A 127 2.14 5.85 -14.00
C LEU A 127 2.42 4.46 -14.57
N ASP A 128 1.38 3.62 -14.63
CA ASP A 128 1.48 2.26 -15.10
C ASP A 128 0.31 1.93 -16.02
N GLY A 129 0.26 2.59 -17.17
CA GLY A 129 -0.70 2.20 -18.17
C GLY A 129 -2.08 2.77 -17.89
N LYS A 130 -3.09 2.04 -18.40
CA LYS A 130 -4.47 2.47 -18.42
C LYS A 130 -5.39 1.36 -17.94
N THR A 131 -6.50 1.76 -17.34
CA THR A 131 -7.58 0.84 -17.06
C THR A 131 -8.42 0.66 -18.31
N GLN A 132 -9.34 -0.28 -18.24
CA GLN A 132 -10.24 -0.52 -19.36
C GLN A 132 -11.19 0.63 -19.61
N LYS A 133 -11.40 1.49 -18.62
CA LYS A 133 -12.16 2.73 -18.83
C LYS A 133 -11.29 3.86 -19.38
N GLY A 134 -10.03 3.60 -19.69
CA GLY A 134 -9.18 4.66 -20.22
C GLY A 134 -8.58 5.56 -19.17
N GLU A 135 -8.74 5.23 -17.88
CA GLU A 135 -8.13 6.01 -16.81
C GLU A 135 -6.64 5.71 -16.74
N ASN A 136 -5.86 6.72 -16.38
CA ASN A 136 -4.48 6.46 -16.04
C ASN A 136 -4.46 5.63 -14.77
N ARG A 137 -3.61 4.63 -14.78
CA ARG A 137 -3.42 3.75 -13.64
C ARG A 137 -2.14 4.16 -12.93
N TYR A 138 -2.21 4.32 -11.63
CA TYR A 138 -1.07 4.75 -10.83
C TYR A 138 -0.75 3.70 -9.81
N VAL A 139 0.53 3.44 -9.65
CA VAL A 139 1.02 2.56 -8.60
C VAL A 139 1.68 3.43 -7.55
N PHE A 140 1.25 3.26 -6.32
CA PHE A 140 1.82 3.94 -5.18
C PHE A 140 2.65 2.91 -4.45
N THR A 141 3.96 3.14 -4.36
CA THR A 141 4.85 2.19 -3.70
C THR A 141 5.14 2.69 -2.29
N PHE A 142 5.00 1.78 -1.33
CA PHE A 142 5.25 2.05 0.07
C PHE A 142 6.27 1.06 0.59
N VAL A 143 6.97 1.45 1.65
CA VAL A 143 7.73 0.49 2.43
C VAL A 143 7.20 0.49 3.86
N ALA A 144 6.96 -0.71 4.41
CA ALA A 144 6.47 -0.85 5.78
C ALA A 144 7.64 -0.70 6.75
N VAL A 145 7.50 0.23 7.67
CA VAL A 145 8.55 0.61 8.60
C VAL A 145 8.01 0.64 10.02
N LYS A 146 8.83 0.24 10.96
CA LYS A 146 8.45 0.25 12.37
C LYS A 146 8.61 1.63 12.99
N SER A 147 7.72 1.93 13.92
CA SER A 147 7.82 3.18 14.66
C SER A 147 9.22 3.33 15.24
N PRO A 148 9.83 4.51 15.17
CA PRO A 148 11.16 4.65 15.79
C PRO A 148 11.07 4.45 17.30
N ASP A 149 12.10 3.83 17.86
CA ASP A 149 12.16 3.61 19.30
C ASP A 149 13.48 4.16 19.82
N PHE A 150 13.41 5.31 20.48
CA PHE A 150 14.58 5.94 21.08
C PHE A 150 14.68 5.55 22.56
#